data_6V0S
#
_entry.id   6V0S
#
_cell.length_a   74.634
_cell.length_b   123.013
_cell.length_c   31.693
_cell.angle_alpha   90.000
_cell.angle_beta   90.000
_cell.angle_gamma   90.000
#
_symmetry.space_group_name_H-M   'P 21 21 2'
#
loop_
_entity.id
_entity.type
_entity.pdbx_description
1 polymer 'Bromodomain-containing protein 9'
2 non-polymer (1~{Z})-1-(3-ethyl-5-methoxy-1,3-benzothiazol-2-ylidene)propan-2-one
3 water water
#
_entity_poly.entity_id   1
_entity_poly.type   'polypeptide(L)'
_entity_poly.pdbx_seq_one_letter_code
;SMLKLSAENESTPIQQLLEHFLRQLQRKDPHGFFAFPVTDAIAPGYSMIIKHPMDFGTMKDKIVANEYKSVTEFKADFKL
MCDNAMTYNRPDTVYYKLAKKILHAGFKMMSKERLLALKRSMS
;
_entity_poly.pdbx_strand_id   A,B
#
# COMPACT_ATOMS: atom_id res chain seq x y z
N SER A 11 22.89 9.56 -10.40
CA SER A 11 21.60 10.06 -10.90
C SER A 11 21.70 11.26 -11.86
N THR A 12 20.62 11.55 -12.59
CA THR A 12 20.49 12.69 -13.54
C THR A 12 19.51 13.75 -13.06
N PRO A 13 19.60 15.00 -13.57
CA PRO A 13 18.64 16.03 -13.14
C PRO A 13 17.15 15.70 -13.38
N ILE A 14 16.80 15.14 -14.54
CA ILE A 14 15.38 14.88 -14.79
C ILE A 14 14.87 13.82 -13.81
N GLN A 15 15.69 12.80 -13.51
CA GLN A 15 15.30 11.80 -12.53
C GLN A 15 15.05 12.42 -11.16
N GLN A 16 15.88 13.40 -10.77
CA GLN A 16 15.68 14.07 -9.49
C GLN A 16 14.41 14.90 -9.51
N LEU A 17 14.12 15.57 -10.63
CA LEU A 17 12.88 16.33 -10.69
C LEU A 17 11.67 15.40 -10.61
N LEU A 18 11.69 14.30 -11.37
CA LEU A 18 10.56 13.38 -11.30
C LEU A 18 10.42 12.70 -9.94
N GLU A 19 11.54 12.35 -9.29
CA GLU A 19 11.45 11.78 -7.94
C GLU A 19 10.81 12.77 -6.95
N HIS A 20 11.15 14.07 -7.05
CA HIS A 20 10.48 15.09 -6.23
C HIS A 20 8.97 15.11 -6.44
N PHE A 21 8.52 15.21 -7.69
CA PHE A 21 7.09 15.20 -7.97
C PHE A 21 6.42 13.94 -7.42
N LEU A 22 7.05 12.78 -7.63
CA LEU A 22 6.45 11.54 -7.21
C LEU A 22 6.29 11.49 -5.69
N ARG A 23 7.30 11.98 -4.95
CA ARG A 23 7.21 12.02 -3.50
C ARG A 23 6.05 12.89 -3.02
N GLN A 24 5.89 14.10 -3.61
CA GLN A 24 4.79 14.96 -3.22
C GLN A 24 3.47 14.24 -3.44
N LEU A 25 3.33 13.54 -4.57
CA LEU A 25 2.09 12.85 -4.86
C LEU A 25 1.86 11.71 -3.88
N GLN A 26 2.91 10.96 -3.52
CA GLN A 26 2.74 9.84 -2.60
C GLN A 26 2.36 10.32 -1.20
N ARG A 27 2.78 11.53 -0.83
CA ARG A 27 2.36 12.06 0.46
C ARG A 27 0.86 12.30 0.53
N LYS A 28 0.20 12.52 -0.62
CA LYS A 28 -1.25 12.69 -0.64
C LYS A 28 -2.01 11.37 -0.64
N ASP A 29 -1.28 10.26 -0.57
CA ASP A 29 -1.87 8.92 -0.52
C ASP A 29 -1.23 8.21 0.65
N PRO A 30 -1.48 8.71 1.87
CA PRO A 30 -0.74 8.19 3.03
C PRO A 30 -1.00 6.73 3.31
N HIS A 31 -2.15 6.22 2.89
CA HIS A 31 -2.51 4.84 3.16
C HIS A 31 -1.98 3.85 2.11
N GLY A 32 -1.38 4.34 1.02
CA GLY A 32 -0.80 3.47 0.01
C GLY A 32 -1.80 2.76 -0.89
N PHE A 33 -2.95 3.38 -1.16
CA PHE A 33 -3.91 2.84 -2.14
C PHE A 33 -3.27 2.65 -3.52
N PHE A 34 -2.34 3.53 -3.88
CA PHE A 34 -1.75 3.55 -5.22
C PHE A 34 -0.33 3.00 -5.26
N ALA A 35 0.12 2.35 -4.17
CA ALA A 35 1.51 1.98 -3.96
C ALA A 35 1.97 0.75 -4.75
N PHE A 36 1.05 -0.12 -5.18
CA PHE A 36 1.43 -1.39 -5.78
C PHE A 36 0.37 -1.78 -6.79
N PRO A 37 0.69 -2.71 -7.70
CA PRO A 37 -0.26 -3.03 -8.79
C PRO A 37 -1.47 -3.77 -8.28
N VAL A 38 -2.66 -3.25 -8.60
CA VAL A 38 -3.90 -3.97 -8.36
C VAL A 38 -4.05 -5.07 -9.40
N THR A 39 -4.42 -6.27 -8.93
CA THR A 39 -4.58 -7.47 -9.75
C THR A 39 -5.94 -8.12 -9.48
N ASP A 40 -6.28 -9.09 -10.33
CA ASP A 40 -7.51 -9.84 -10.14
C ASP A 40 -7.56 -10.58 -8.80
N ALA A 41 -6.41 -10.90 -8.20
CA ALA A 41 -6.42 -11.63 -6.93
C ALA A 41 -7.09 -10.83 -5.82
N ILE A 42 -7.05 -9.51 -5.90
CA ILE A 42 -7.72 -8.64 -4.93
C ILE A 42 -8.94 -7.95 -5.51
N ALA A 43 -9.03 -7.78 -6.82
CA ALA A 43 -10.09 -6.97 -7.44
C ALA A 43 -10.74 -7.75 -8.57
N PRO A 44 -11.90 -8.38 -8.32
CA PRO A 44 -12.54 -9.23 -9.34
C PRO A 44 -12.78 -8.45 -10.63
N GLY A 45 -12.44 -9.07 -11.76
CA GLY A 45 -12.66 -8.48 -13.07
C GLY A 45 -11.76 -7.29 -13.37
N TYR A 46 -10.68 -7.10 -12.62
CA TYR A 46 -9.84 -5.90 -12.79
C TYR A 46 -9.15 -5.88 -14.14
N SER A 47 -8.51 -6.99 -14.49
CA SER A 47 -7.79 -7.10 -15.74
C SER A 47 -8.69 -6.74 -16.92
N MET A 48 -9.94 -7.19 -16.91
CA MET A 48 -10.74 -6.87 -18.08
C MET A 48 -11.39 -5.50 -18.05
N ILE A 49 -11.39 -4.81 -16.92
CA ILE A 49 -11.84 -3.42 -16.90
C ILE A 49 -10.66 -2.46 -17.08
N ILE A 50 -9.55 -2.78 -16.44
CA ILE A 50 -8.38 -1.92 -16.43
C ILE A 50 -7.33 -2.65 -17.25
N LYS A 51 -7.21 -2.22 -18.50
CA LYS A 51 -6.35 -2.81 -19.52
C LYS A 51 -4.94 -2.25 -19.48
N HIS A 52 -4.74 -1.09 -18.86
CA HIS A 52 -3.45 -0.41 -18.82
C HIS A 52 -3.16 -0.06 -17.36
N PRO A 53 -2.81 -1.04 -16.54
CA PRO A 53 -2.60 -0.76 -15.11
C PRO A 53 -1.39 0.09 -14.89
N MET A 54 -1.46 0.89 -13.81
CA MET A 54 -0.39 1.79 -13.42
C MET A 54 -0.46 1.99 -11.91
N ASP A 55 0.68 2.26 -11.29
CA ASP A 55 0.68 2.52 -9.85
C ASP A 55 1.96 3.27 -9.53
N PHE A 56 2.02 3.80 -8.31
CA PHE A 56 3.19 4.59 -7.94
C PHE A 56 4.46 3.77 -8.02
N GLY A 57 4.40 2.48 -7.65
CA GLY A 57 5.61 1.66 -7.64
C GLY A 57 6.20 1.44 -9.02
N THR A 58 5.34 1.14 -10.01
CA THR A 58 5.81 1.05 -11.39
C THR A 58 6.42 2.38 -11.86
N MET A 59 5.80 3.51 -11.48
CA MET A 59 6.33 4.81 -11.88
C MET A 59 7.71 5.08 -11.26
N LYS A 60 7.93 4.62 -10.03
CA LYS A 60 9.24 4.78 -9.39
C LYS A 60 10.29 3.95 -10.15
N ASP A 61 9.93 2.71 -10.49
CA ASP A 61 10.81 1.85 -11.28
C ASP A 61 11.15 2.48 -12.63
N LYS A 62 10.18 3.11 -13.29
CA LYS A 62 10.47 3.76 -14.56
C LYS A 62 11.37 4.97 -14.40
N ILE A 63 11.27 5.70 -13.28
CA ILE A 63 12.22 6.79 -13.03
C ILE A 63 13.62 6.21 -12.85
N VAL A 64 13.75 5.24 -11.94
CA VAL A 64 15.04 4.61 -11.69
C VAL A 64 15.64 4.06 -12.97
N ALA A 65 14.81 3.48 -13.84
CA ALA A 65 15.26 2.94 -15.12
C ALA A 65 15.46 4.02 -16.18
N ASN A 66 15.22 5.29 -15.85
CA ASN A 66 15.34 6.42 -16.78
C ASN A 66 14.54 6.17 -18.06
N GLU A 67 13.29 5.71 -17.90
CA GLU A 67 12.42 5.51 -19.05
C GLU A 67 11.52 6.69 -19.32
N TYR A 68 11.59 7.75 -18.52
CA TYR A 68 10.84 8.96 -18.81
C TYR A 68 11.76 9.97 -19.46
N LYS A 69 11.35 10.49 -20.61
CA LYS A 69 12.08 11.53 -21.29
C LYS A 69 11.48 12.91 -21.07
N SER A 70 10.29 13.00 -20.51
CA SER A 70 9.69 14.31 -20.30
C SER A 70 8.76 14.29 -19.09
N VAL A 71 8.50 15.48 -18.55
CA VAL A 71 7.44 15.65 -17.57
C VAL A 71 6.08 15.28 -18.15
N THR A 72 5.89 15.49 -19.47
CA THR A 72 4.63 15.12 -20.12
C THR A 72 4.37 13.62 -19.99
N GLU A 73 5.38 12.80 -20.28
CA GLU A 73 5.26 11.35 -20.16
C GLU A 73 4.98 10.93 -18.73
N PHE A 74 5.66 11.55 -17.76
CA PHE A 74 5.40 11.25 -16.36
C PHE A 74 3.96 11.59 -15.99
N LYS A 75 3.49 12.78 -16.39
CA LYS A 75 2.11 13.18 -16.09
C LYS A 75 1.11 12.20 -16.69
N ALA A 76 1.44 11.64 -17.87
CA ALA A 76 0.46 10.75 -18.50
C ALA A 76 0.32 9.46 -17.70
N ASP A 77 1.42 8.95 -17.14
CA ASP A 77 1.30 7.76 -16.30
C ASP A 77 0.49 8.08 -15.04
N PHE A 78 0.79 9.22 -14.42
CA PHE A 78 0.00 9.61 -13.25
C PHE A 78 -1.46 9.76 -13.58
N LYS A 79 -1.78 10.37 -14.74
CA LYS A 79 -3.17 10.55 -15.10
C LYS A 79 -3.84 9.22 -15.39
N LEU A 80 -3.13 8.33 -16.08
CA LEU A 80 -3.64 6.99 -16.33
C LEU A 80 -4.02 6.28 -15.03
N MET A 81 -3.14 6.36 -14.03
CA MET A 81 -3.37 5.69 -12.77
C MET A 81 -4.66 6.17 -12.11
N CYS A 82 -4.89 7.48 -12.14
CA CYS A 82 -6.07 8.04 -11.49
C CYS A 82 -7.31 7.80 -12.32
N ASP A 83 -7.18 7.74 -13.64
CA ASP A 83 -8.32 7.35 -14.49
C ASP A 83 -8.73 5.91 -14.20
N ASN A 84 -7.77 4.99 -14.16
CA ASN A 84 -8.08 3.61 -13.82
C ASN A 84 -8.84 3.51 -12.50
N ALA A 85 -8.37 4.20 -11.48
CA ALA A 85 -9.02 4.10 -10.17
C ALA A 85 -10.45 4.63 -10.22
N MET A 86 -10.70 5.65 -11.05
CA MET A 86 -12.05 6.19 -11.17
C MET A 86 -12.94 5.38 -12.11
N THR A 87 -12.36 4.57 -12.99
CA THR A 87 -13.15 3.69 -13.85
C THR A 87 -13.62 2.44 -13.10
N TYR A 88 -12.72 1.81 -12.35
CA TYR A 88 -13.02 0.54 -11.70
C TYR A 88 -13.88 0.70 -10.45
N ASN A 89 -13.53 1.63 -9.58
CA ASN A 89 -14.21 1.76 -8.30
C ASN A 89 -15.44 2.65 -8.44
N ARG A 90 -16.49 2.32 -7.71
CA ARG A 90 -17.69 3.14 -7.82
C ARG A 90 -17.44 4.46 -7.10
N PRO A 91 -18.18 5.52 -7.45
CA PRO A 91 -17.87 6.86 -6.89
C PRO A 91 -18.04 6.97 -5.38
N ASP A 92 -18.71 6.01 -4.73
CA ASP A 92 -18.89 5.99 -3.29
C ASP A 92 -17.66 5.50 -2.54
N THR A 93 -16.70 4.88 -3.22
CA THR A 93 -15.57 4.24 -2.54
C THR A 93 -14.50 5.28 -2.21
N VAL A 94 -13.75 5.01 -1.14
CA VAL A 94 -12.61 5.85 -0.80
C VAL A 94 -11.61 5.87 -1.95
N TYR A 95 -11.48 4.75 -2.67
CA TYR A 95 -10.52 4.68 -3.76
C TYR A 95 -10.84 5.65 -4.90
N TYR A 96 -12.09 5.65 -5.36
CA TYR A 96 -12.50 6.61 -6.38
C TYR A 96 -12.36 8.04 -5.86
N LYS A 97 -12.81 8.28 -4.62
CA LYS A 97 -12.78 9.62 -4.06
C LYS A 97 -11.36 10.17 -3.96
N LEU A 98 -10.41 9.37 -3.46
CA LEU A 98 -9.03 9.83 -3.37
C LEU A 98 -8.41 10.04 -4.74
N ALA A 99 -8.68 9.15 -5.69
CA ALA A 99 -8.12 9.29 -7.03
C ALA A 99 -8.49 10.64 -7.64
N LYS A 100 -9.76 11.04 -7.51
CA LYS A 100 -10.17 12.33 -8.04
C LYS A 100 -9.39 13.47 -7.39
N LYS A 101 -9.15 13.38 -6.07
CA LYS A 101 -8.50 14.48 -5.38
C LYS A 101 -7.02 14.56 -5.73
N ILE A 102 -6.30 13.44 -5.77
CA ILE A 102 -4.88 13.57 -6.06
C ILE A 102 -4.68 13.97 -7.52
N LEU A 103 -5.56 13.51 -8.41
CA LEU A 103 -5.43 13.91 -9.82
C LEU A 103 -5.50 15.42 -9.97
N HIS A 104 -6.46 16.04 -9.29
CA HIS A 104 -6.61 17.49 -9.37
C HIS A 104 -5.36 18.18 -8.84
N ALA A 105 -4.93 17.80 -7.62
CA ALA A 105 -3.74 18.37 -6.99
C ALA A 105 -2.50 18.11 -7.82
N GLY A 106 -2.36 16.91 -8.36
CA GLY A 106 -1.16 16.58 -9.10
C GLY A 106 -1.03 17.42 -10.35
N PHE A 107 -2.14 17.63 -11.07
CA PHE A 107 -2.05 18.42 -12.29
C PHE A 107 -1.92 19.93 -12.02
N LYS A 108 -2.15 20.35 -10.78
CA LYS A 108 -2.01 21.73 -10.31
C LYS A 108 -0.57 21.99 -9.86
N MET A 109 0.14 20.93 -9.45
CA MET A 109 1.54 21.01 -9.06
C MET A 109 2.46 20.90 -10.27
N MET A 110 1.99 20.28 -11.35
CA MET A 110 2.76 20.17 -12.58
C MET A 110 2.11 20.98 -13.71
N SER A 111 1.45 22.10 -13.36
CA SER A 111 0.88 23.05 -14.33
C SER A 111 1.85 23.38 -15.44
N LYS A 112 1.32 23.54 -16.63
CA LYS A 112 1.98 24.33 -17.68
C LYS A 112 2.75 25.53 -17.11
N GLU A 113 2.03 26.37 -16.33
CA GLU A 113 2.59 27.56 -15.70
C GLU A 113 3.79 27.24 -14.83
N ARG A 114 3.58 26.45 -13.78
CA ARG A 114 4.65 26.09 -12.86
C ARG A 114 5.83 25.45 -13.58
N LEU A 115 5.59 24.66 -14.64
CA LEU A 115 6.69 24.06 -15.38
C LEU A 115 7.46 25.11 -16.18
N LEU A 116 6.80 26.19 -16.60
CA LEU A 116 7.52 27.28 -17.26
C LEU A 116 8.28 28.17 -16.28
N ALA A 117 7.75 28.36 -15.06
CA ALA A 117 8.47 29.13 -14.04
C ALA A 117 9.73 28.40 -13.60
N LEU A 118 9.59 27.14 -13.17
CA LEU A 118 10.78 26.34 -12.89
C LEU A 118 11.72 26.31 -14.10
N LYS A 119 11.18 26.54 -15.31
CA LYS A 119 11.96 26.36 -16.52
C LYS A 119 12.74 27.61 -16.86
N ARG A 120 12.31 28.77 -16.38
CA ARG A 120 13.10 29.99 -16.48
C ARG A 120 14.23 30.04 -15.45
N SER A 121 14.20 29.16 -14.43
CA SER A 121 15.27 29.09 -13.42
C SER A 121 16.55 28.47 -13.95
N MET A 122 16.48 27.75 -15.07
CA MET A 122 17.63 27.05 -15.60
C MET A 122 18.37 27.83 -16.68
N SER A 123 18.08 29.12 -16.80
CA SER A 123 18.79 29.96 -17.74
C SER A 123 19.77 30.81 -16.93
N SER B 11 9.09 10.53 15.44
CA SER B 11 8.52 9.25 15.82
C SER B 11 9.08 8.71 17.16
N THR B 12 8.52 7.60 17.65
CA THR B 12 8.97 6.92 18.86
C THR B 12 9.69 5.58 18.56
N PRO B 13 10.57 5.12 19.47
CA PRO B 13 11.22 3.81 19.25
C PRO B 13 10.28 2.62 19.08
N ILE B 14 9.20 2.55 19.86
CA ILE B 14 8.28 1.43 19.73
C ILE B 14 7.57 1.46 18.38
N GLN B 15 7.17 2.65 17.91
CA GLN B 15 6.54 2.76 16.60
C GLN B 15 7.49 2.28 15.49
N GLN B 16 8.77 2.64 15.59
CA GLN B 16 9.76 2.26 14.59
C GLN B 16 9.97 0.75 14.60
N LEU B 17 9.93 0.13 15.79
CA LEU B 17 10.07 -1.32 15.87
C LEU B 17 8.87 -2.02 15.25
N LEU B 18 7.67 -1.55 15.55
CA LEU B 18 6.49 -2.18 14.96
C LEU B 18 6.44 -1.94 13.46
N GLU B 19 6.84 -0.74 13.01
CA GLU B 19 6.87 -0.51 11.56
C GLU B 19 7.82 -1.48 10.88
N HIS B 20 8.96 -1.77 11.50
CA HIS B 20 9.86 -2.79 10.98
C HIS B 20 9.17 -4.14 10.86
N PHE B 21 8.55 -4.63 11.93
CA PHE B 21 7.85 -5.92 11.83
C PHE B 21 6.81 -5.90 10.73
N LEU B 22 6.02 -4.81 10.64
CA LEU B 22 4.97 -4.75 9.63
C LEU B 22 5.55 -4.80 8.23
N ARG B 23 6.67 -4.08 7.97
CA ARG B 23 7.25 -4.12 6.64
C ARG B 23 7.70 -5.54 6.30
N GLN B 24 8.34 -6.24 7.25
CA GLN B 24 8.74 -7.62 7.00
C GLN B 24 7.53 -8.49 6.64
N LEU B 25 6.42 -8.34 7.35
CA LEU B 25 5.25 -9.15 7.05
C LEU B 25 4.60 -8.78 5.72
N GLN B 26 4.48 -7.48 5.44
CA GLN B 26 3.84 -7.05 4.20
C GLN B 26 4.64 -7.47 2.99
N ARG B 27 5.96 -7.59 3.16
CA ARG B 27 6.81 -8.03 2.06
C ARG B 27 6.49 -9.46 1.62
N LYS B 28 5.88 -10.28 2.50
CA LYS B 28 5.47 -11.63 2.14
C LYS B 28 4.10 -11.69 1.43
N ASP B 29 3.48 -10.53 1.18
CA ASP B 29 2.18 -10.43 0.55
C ASP B 29 2.30 -9.41 -0.57
N PRO B 30 3.09 -9.72 -1.59
CA PRO B 30 3.36 -8.71 -2.63
C PRO B 30 2.10 -8.26 -3.35
N HIS B 31 1.06 -9.09 -3.41
CA HIS B 31 -0.16 -8.71 -4.13
C HIS B 31 -1.16 -7.98 -3.25
N GLY B 32 -0.87 -7.82 -1.95
CA GLY B 32 -1.78 -7.09 -1.09
C GLY B 32 -3.07 -7.82 -0.75
N PHE B 33 -3.03 -9.17 -0.68
CA PHE B 33 -4.20 -9.90 -0.17
C PHE B 33 -4.67 -9.34 1.17
N PHE B 34 -3.71 -8.96 2.05
CA PHE B 34 -4.01 -8.55 3.40
C PHE B 34 -3.89 -7.06 3.58
N ALA B 35 -3.73 -6.29 2.49
CA ALA B 35 -3.33 -4.90 2.63
C ALA B 35 -4.48 -4.02 3.07
N PHE B 36 -5.71 -4.43 2.79
CA PHE B 36 -6.86 -3.56 3.00
C PHE B 36 -8.06 -4.42 3.37
N PRO B 37 -9.09 -3.84 3.97
CA PRO B 37 -10.21 -4.66 4.46
C PRO B 37 -10.95 -5.34 3.32
N VAL B 38 -11.22 -6.63 3.49
CA VAL B 38 -12.07 -7.37 2.55
C VAL B 38 -13.49 -6.87 2.66
N THR B 39 -14.16 -6.75 1.51
CA THR B 39 -15.53 -6.27 1.51
C THR B 39 -16.48 -7.36 1.01
N ASP B 40 -17.76 -7.20 1.41
CA ASP B 40 -18.78 -8.14 1.00
C ASP B 40 -18.97 -8.15 -0.52
N ALA B 41 -18.70 -7.02 -1.17
CA ALA B 41 -18.81 -6.97 -2.63
C ALA B 41 -17.80 -7.90 -3.29
N ILE B 42 -16.65 -8.11 -2.64
CA ILE B 42 -15.59 -8.93 -3.19
C ILE B 42 -15.66 -10.36 -2.66
N ALA B 43 -16.06 -10.51 -1.39
CA ALA B 43 -16.08 -11.78 -0.70
C ALA B 43 -17.44 -11.91 -0.03
N PRO B 44 -18.40 -12.57 -0.70
CA PRO B 44 -19.78 -12.60 -0.21
C PRO B 44 -19.89 -13.14 1.21
N GLY B 45 -20.72 -12.45 2.01
CA GLY B 45 -21.01 -12.91 3.34
C GLY B 45 -19.86 -12.75 4.28
N TYR B 46 -18.86 -11.93 3.91
CA TYR B 46 -17.68 -11.79 4.73
C TYR B 46 -18.02 -11.19 6.09
N SER B 47 -18.69 -10.02 6.09
CA SER B 47 -19.16 -9.40 7.32
C SER B 47 -19.94 -10.35 8.24
N MET B 48 -20.76 -11.22 7.66
CA MET B 48 -21.56 -12.16 8.45
C MET B 48 -20.75 -13.29 9.06
N ILE B 49 -19.59 -13.57 8.50
CA ILE B 49 -18.75 -14.69 8.92
C ILE B 49 -17.60 -14.20 9.80
N ILE B 50 -17.02 -13.05 9.49
CA ILE B 50 -15.83 -12.58 10.15
C ILE B 50 -16.27 -11.47 11.10
N LYS B 51 -16.14 -11.74 12.41
CA LYS B 51 -16.71 -10.85 13.41
C LYS B 51 -15.81 -9.64 13.68
N HIS B 52 -14.51 -9.79 13.51
CA HIS B 52 -13.53 -8.76 13.89
C HIS B 52 -12.51 -8.58 12.77
N PRO B 53 -12.85 -7.83 11.73
CA PRO B 53 -11.93 -7.73 10.58
C PRO B 53 -10.65 -7.00 10.96
N MET B 54 -9.57 -7.38 10.25
CA MET B 54 -8.24 -6.84 10.47
C MET B 54 -7.45 -6.91 9.17
N ASP B 55 -6.54 -5.96 9.00
CA ASP B 55 -5.70 -5.90 7.82
C ASP B 55 -4.45 -5.07 8.12
N PHE B 56 -3.48 -5.13 7.19
CA PHE B 56 -2.22 -4.42 7.38
C PHE B 56 -2.42 -2.91 7.45
N GLY B 57 -3.38 -2.36 6.69
CA GLY B 57 -3.56 -0.92 6.70
C GLY B 57 -4.07 -0.40 8.03
N THR B 58 -5.06 -1.09 8.60
CA THR B 58 -5.52 -0.74 9.94
C THR B 58 -4.39 -0.87 10.98
N MET B 59 -3.59 -1.95 10.90
CA MET B 59 -2.50 -2.10 11.85
C MET B 59 -1.49 -0.96 11.70
N LYS B 60 -1.23 -0.52 10.47
CA LYS B 60 -0.33 0.61 10.27
C LYS B 60 -0.97 1.85 10.89
N ASP B 61 -2.29 2.05 10.68
CA ASP B 61 -3.03 3.17 11.27
C ASP B 61 -2.92 3.16 12.78
N LYS B 62 -3.03 1.98 13.40
CA LYS B 62 -2.86 1.91 14.85
C LYS B 62 -1.42 2.16 15.30
N ILE B 63 -0.42 1.77 14.51
CA ILE B 63 0.96 2.09 14.85
C ILE B 63 1.19 3.61 14.86
N VAL B 64 0.87 4.28 13.75
CA VAL B 64 1.00 5.75 13.69
C VAL B 64 0.24 6.41 14.84
N ALA B 65 -0.94 5.88 15.17
CA ALA B 65 -1.73 6.40 16.29
C ALA B 65 -1.22 5.95 17.66
N ASN B 66 -0.12 5.20 17.73
CA ASN B 66 0.47 4.72 18.98
C ASN B 66 -0.54 4.04 19.92
N GLU B 67 -1.37 3.16 19.33
CA GLU B 67 -2.37 2.38 20.07
C GLU B 67 -1.91 0.96 20.43
N TYR B 68 -0.67 0.57 20.11
CA TYR B 68 -0.09 -0.68 20.55
C TYR B 68 0.81 -0.39 21.75
N LYS B 69 0.56 -1.05 22.87
CA LYS B 69 1.43 -0.92 24.02
C LYS B 69 2.34 -2.12 24.23
N SER B 70 2.20 -3.17 23.43
CA SER B 70 3.07 -4.33 23.53
C SER B 70 3.32 -4.92 22.14
N VAL B 71 4.44 -5.62 21.99
CA VAL B 71 4.59 -6.48 20.82
C VAL B 71 3.53 -7.58 20.88
N THR B 72 3.13 -7.97 22.10
CA THR B 72 2.08 -8.97 22.29
C THR B 72 0.75 -8.51 21.70
N GLU B 73 0.36 -7.27 21.98
CA GLU B 73 -0.85 -6.70 21.40
C GLU B 73 -0.75 -6.68 19.89
N PHE B 74 0.41 -6.27 19.39
CA PHE B 74 0.65 -6.25 17.95
C PHE B 74 0.52 -7.67 17.39
N LYS B 75 1.17 -8.65 18.04
CA LYS B 75 1.07 -10.01 17.56
C LYS B 75 -0.38 -10.46 17.55
N ALA B 76 -1.17 -9.98 18.50
CA ALA B 76 -2.57 -10.42 18.58
C ALA B 76 -3.39 -9.96 17.36
N ASP B 77 -3.17 -8.72 16.90
CA ASP B 77 -3.84 -8.26 15.69
C ASP B 77 -3.35 -9.03 14.46
N PHE B 78 -2.04 -9.28 14.36
CA PHE B 78 -1.53 -10.07 13.24
C PHE B 78 -2.16 -11.46 13.22
N LYS B 79 -2.25 -12.12 14.38
CA LYS B 79 -2.78 -13.47 14.40
C LYS B 79 -4.26 -13.46 14.04
N LEU B 80 -4.98 -12.44 14.52
CA LEU B 80 -6.38 -12.26 14.17
C LEU B 80 -6.55 -12.19 12.65
N MET B 81 -5.72 -11.39 12.01
CA MET B 81 -5.78 -11.21 10.57
C MET B 81 -5.65 -12.53 9.83
N CYS B 82 -4.70 -13.36 10.22
CA CYS B 82 -4.44 -14.63 9.55
C CYS B 82 -5.48 -15.71 9.90
N ASP B 83 -5.99 -15.68 11.13
CA ASP B 83 -7.06 -16.59 11.51
C ASP B 83 -8.33 -16.26 10.73
N ASN B 84 -8.66 -14.97 10.62
CA ASN B 84 -9.80 -14.55 9.80
C ASN B 84 -9.69 -15.10 8.38
N ALA B 85 -8.53 -14.98 7.75
CA ALA B 85 -8.37 -15.43 6.37
C ALA B 85 -8.55 -16.94 6.26
N MET B 86 -8.09 -17.69 7.26
CA MET B 86 -8.22 -19.12 7.22
C MET B 86 -9.60 -19.59 7.62
N THR B 87 -10.36 -18.74 8.33
CA THR B 87 -11.74 -19.07 8.66
C THR B 87 -12.65 -18.85 7.46
N TYR B 88 -12.47 -17.72 6.75
CA TYR B 88 -13.39 -17.40 5.66
C TYR B 88 -13.07 -18.20 4.39
N ASN B 89 -11.81 -18.31 4.02
CA ASN B 89 -11.39 -18.92 2.75
C ASN B 89 -11.10 -20.41 2.92
N ARG B 90 -11.46 -21.20 1.89
CA ARG B 90 -11.27 -22.64 1.94
C ARG B 90 -9.79 -22.98 1.78
N PRO B 91 -9.37 -24.17 2.23
CA PRO B 91 -7.92 -24.45 2.30
C PRO B 91 -7.21 -24.50 0.97
N ASP B 92 -7.92 -24.69 -0.15
CA ASP B 92 -7.25 -24.73 -1.45
C ASP B 92 -6.97 -23.34 -2.04
N THR B 93 -7.49 -22.27 -1.43
CA THR B 93 -7.38 -20.92 -1.99
C THR B 93 -6.04 -20.29 -1.67
N VAL B 94 -5.60 -19.36 -2.55
CA VAL B 94 -4.36 -18.64 -2.29
C VAL B 94 -4.44 -17.90 -0.98
N TYR B 95 -5.65 -17.42 -0.63
CA TYR B 95 -5.78 -16.63 0.59
C TYR B 95 -5.54 -17.47 1.83
N TYR B 96 -6.17 -18.63 1.92
CA TYR B 96 -5.91 -19.51 3.06
C TYR B 96 -4.45 -19.90 3.16
N LYS B 97 -3.84 -20.33 2.04
CA LYS B 97 -2.46 -20.80 2.05
C LYS B 97 -1.46 -19.74 2.46
N LEU B 98 -1.60 -18.53 1.92
CA LEU B 98 -0.68 -17.46 2.29
C LEU B 98 -0.84 -17.07 3.75
N ALA B 99 -2.09 -17.03 4.20
CA ALA B 99 -2.37 -16.71 5.59
C ALA B 99 -1.64 -17.67 6.55
N LYS B 100 -1.70 -18.98 6.26
CA LYS B 100 -1.03 -19.97 7.10
C LYS B 100 0.47 -19.78 7.06
N LYS B 101 1.00 -19.43 5.89
CA LYS B 101 2.45 -19.31 5.75
C LYS B 101 2.96 -18.08 6.49
N ILE B 102 2.27 -16.94 6.33
CA ILE B 102 2.78 -15.75 7.02
C ILE B 102 2.51 -15.84 8.52
N LEU B 103 1.47 -16.55 8.95
CA LEU B 103 1.25 -16.71 10.39
C LEU B 103 2.45 -17.40 11.05
N HIS B 104 2.91 -18.51 10.47
CA HIS B 104 4.10 -19.20 10.98
C HIS B 104 5.35 -18.34 10.91
N ALA B 105 5.61 -17.71 9.76
CA ALA B 105 6.79 -16.86 9.62
C ALA B 105 6.78 -15.71 10.61
N GLY B 106 5.64 -15.03 10.75
CA GLY B 106 5.57 -13.88 11.62
C GLY B 106 5.80 -14.23 13.07
N PHE B 107 5.24 -15.35 13.51
CA PHE B 107 5.45 -15.75 14.89
C PHE B 107 6.84 -16.32 15.15
N LYS B 108 7.62 -16.64 14.10
CA LYS B 108 9.01 -17.01 14.34
C LYS B 108 9.87 -15.76 14.45
N MET B 109 9.44 -14.69 13.76
CA MET B 109 10.13 -13.41 13.76
C MET B 109 9.82 -12.61 15.01
N MET B 110 8.67 -12.82 15.64
CA MET B 110 8.35 -12.15 16.88
C MET B 110 8.26 -13.18 18.01
N SER B 111 9.01 -14.28 17.87
CA SER B 111 9.16 -15.26 18.92
C SER B 111 9.60 -14.61 20.21
N LYS B 112 9.10 -15.15 21.31
CA LYS B 112 9.60 -14.97 22.68
C LYS B 112 11.13 -14.86 22.76
N GLU B 113 11.85 -15.87 22.27
CA GLU B 113 13.32 -15.86 22.21
C GLU B 113 13.86 -14.62 21.51
N ARG B 114 13.44 -14.40 20.25
CA ARG B 114 13.96 -13.28 19.47
C ARG B 114 13.74 -11.94 20.17
N LEU B 115 12.59 -11.75 20.82
CA LEU B 115 12.34 -10.50 21.53
C LEU B 115 13.12 -10.40 22.84
N LEU B 116 13.43 -11.53 23.50
CA LEU B 116 14.25 -11.44 24.68
C LEU B 116 15.73 -11.23 24.34
N ALA B 117 16.19 -11.72 23.19
CA ALA B 117 17.54 -11.38 22.75
C ALA B 117 17.65 -9.90 22.41
N LEU B 118 16.71 -9.42 21.59
CA LEU B 118 16.56 -7.99 21.35
C LEU B 118 16.45 -7.19 22.64
N LYS B 119 15.91 -7.82 23.69
CA LYS B 119 15.77 -7.18 24.98
C LYS B 119 17.13 -6.87 25.59
N ARG B 120 18.02 -7.87 25.58
CA ARG B 120 19.36 -7.69 26.13
C ARG B 120 20.18 -6.73 25.30
N SER B 121 19.79 -6.46 24.04
CA SER B 121 20.60 -5.59 23.21
C SER B 121 20.39 -4.14 23.57
N MET B 122 19.29 -3.84 24.23
CA MET B 122 18.94 -2.48 24.60
C MET B 122 19.42 -2.19 26.00
N SER B 123 20.28 -3.04 26.54
CA SER B 123 20.92 -2.86 27.82
C SER B 123 22.38 -2.46 27.60
#